data_8FD8
#
_entry.id   8FD8
#
_cell.length_a   1.00
_cell.length_b   1.00
_cell.length_c   1.00
_cell.angle_alpha   90.00
_cell.angle_beta   90.00
_cell.angle_gamma   90.00
#
_symmetry.space_group_name_H-M   'P 1'
#
loop_
_entity.id
_entity.type
_entity.pdbx_description
1 polymer '15-hydroxyprostaglandin dehydrogenase [NAD(+)]'
2 non-polymer '1,4-DIHYDRONICOTINAMIDE ADENINE DINUCLEOTIDE'
#
_entity_poly.entity_id   1
_entity_poly.type   'polypeptide(L)'
_entity_poly.pdbx_seq_one_letter_code
;MHVNGKVALVTGAAQGIGRAFAEALLLKGAKVALVDWNLEAGVQCKAALDEQFEPQKTLFIQCDVADQQQLRDTFRKVVD
HFGRLDILVNNAGVNNEKNWEKTLQINLVSVISGTYLGLDYMSKQNGGEGGIIINMSSLAGLMPVAQQPVYCASKHGIVG
FTRSAALAANLMNSGVRLNAICPGFVNTAILESIEKEENMGQYIEYKDHIKDMIKYYGILDPPLIANGLITLIEDDALNG
AIMKITTSKGIHFQDY
;
_entity_poly.pdbx_strand_id   A,B
#
# COMPACT_ATOMS: atom_id res chain seq x y z
N MET A 1 -15.63 -26.06 -4.30
CA MET A 1 -16.73 -27.06 -4.29
C MET A 1 -17.97 -26.45 -4.97
N HIS A 2 -19.15 -26.82 -4.49
CA HIS A 2 -20.38 -26.40 -5.14
C HIS A 2 -20.58 -24.90 -5.02
N VAL A 3 -21.12 -24.28 -6.08
CA VAL A 3 -21.48 -22.88 -6.06
C VAL A 3 -22.99 -22.68 -5.88
N ASN A 4 -23.80 -23.68 -6.23
CA ASN A 4 -25.25 -23.55 -6.12
C ASN A 4 -25.66 -23.37 -4.66
N GLY A 5 -26.63 -22.48 -4.44
CA GLY A 5 -27.20 -22.28 -3.13
C GLY A 5 -26.36 -21.43 -2.20
N LYS A 6 -25.15 -21.05 -2.59
CA LYS A 6 -24.30 -20.25 -1.75
C LYS A 6 -24.81 -18.81 -1.70
N VAL A 7 -24.11 -17.97 -0.96
CA VAL A 7 -24.42 -16.55 -0.85
C VAL A 7 -23.15 -15.76 -1.08
N ALA A 8 -23.21 -14.75 -1.95
CA ALA A 8 -22.07 -13.93 -2.30
C ALA A 8 -22.41 -12.46 -2.12
N LEU A 9 -21.38 -11.65 -1.89
CA LEU A 9 -21.53 -10.21 -1.69
C LEU A 9 -20.41 -9.52 -2.44
N VAL A 10 -20.76 -8.85 -3.54
CA VAL A 10 -19.79 -8.13 -4.37
C VAL A 10 -20.01 -6.64 -4.20
N THR A 11 -18.94 -5.92 -3.85
CA THR A 11 -19.01 -4.48 -3.65
C THR A 11 -18.72 -3.76 -4.96
N GLY A 12 -19.55 -2.77 -5.28
CA GLY A 12 -19.40 -2.00 -6.49
C GLY A 12 -19.73 -2.82 -7.74
N ALA A 13 -21.00 -3.18 -7.89
CA ALA A 13 -21.45 -3.96 -9.04
C ALA A 13 -22.49 -3.22 -9.86
N ALA A 14 -22.58 -1.89 -9.71
CA ALA A 14 -23.58 -1.13 -10.44
C ALA A 14 -23.28 -1.04 -11.93
N GLN A 15 -22.05 -1.34 -12.34
CA GLN A 15 -21.68 -1.22 -13.74
C GLN A 15 -20.35 -1.92 -13.96
N GLY A 16 -19.99 -2.07 -15.23
CA GLY A 16 -18.67 -2.52 -15.58
C GLY A 16 -18.37 -3.91 -15.08
N ILE A 17 -17.09 -4.14 -14.79
CA ILE A 17 -16.64 -5.48 -14.40
C ILE A 17 -17.44 -5.99 -13.22
N GLY A 18 -17.68 -5.13 -12.22
CA GLY A 18 -18.52 -5.48 -11.11
C GLY A 18 -19.78 -6.20 -11.56
N ARG A 19 -20.56 -5.55 -12.42
CA ARG A 19 -21.80 -6.16 -12.90
C ARG A 19 -21.55 -7.56 -13.41
N ALA A 20 -20.55 -7.73 -14.28
CA ALA A 20 -20.25 -9.05 -14.80
C ALA A 20 -20.22 -10.07 -13.67
N PHE A 21 -19.40 -9.81 -12.64
CA PHE A 21 -19.33 -10.71 -11.50
C PHE A 21 -20.72 -11.15 -11.09
N ALA A 22 -21.55 -10.19 -10.68
CA ALA A 22 -22.87 -10.52 -10.16
C ALA A 22 -23.60 -11.44 -11.12
N GLU A 23 -23.65 -11.08 -12.39
CA GLU A 23 -24.43 -11.86 -13.35
C GLU A 23 -23.96 -13.31 -13.34
N ALA A 24 -22.65 -13.52 -13.40
CA ALA A 24 -22.14 -14.89 -13.47
C ALA A 24 -22.66 -15.71 -12.30
N LEU A 25 -22.70 -15.12 -11.12
CA LEU A 25 -23.16 -15.86 -9.95
C LEU A 25 -24.58 -16.38 -10.16
N LEU A 26 -25.46 -15.53 -10.69
CA LEU A 26 -26.84 -15.95 -10.88
C LEU A 26 -26.97 -16.96 -12.01
N LEU A 27 -25.95 -17.08 -12.86
CA LEU A 27 -25.94 -18.18 -13.82
C LEU A 27 -25.71 -19.50 -13.11
N LYS A 28 -24.90 -19.51 -12.05
CA LYS A 28 -24.60 -20.70 -11.29
C LYS A 28 -25.48 -20.87 -10.07
N GLY A 29 -26.49 -20.00 -9.90
CA GLY A 29 -27.51 -20.18 -8.89
C GLY A 29 -27.22 -19.53 -7.56
N ALA A 30 -26.02 -18.99 -7.36
CA ALA A 30 -25.70 -18.32 -6.11
C ALA A 30 -26.55 -17.06 -5.97
N LYS A 31 -27.00 -16.80 -4.74
CA LYS A 31 -27.79 -15.61 -4.45
C LYS A 31 -26.87 -14.48 -4.01
N VAL A 32 -27.16 -13.27 -4.48
CA VAL A 32 -26.20 -12.16 -4.45
C VAL A 32 -26.82 -10.92 -3.84
N ALA A 33 -26.04 -10.25 -3.00
CA ALA A 33 -26.41 -8.98 -2.40
C ALA A 33 -25.49 -7.90 -2.99
N LEU A 34 -25.96 -7.29 -4.08
CA LEU A 34 -25.20 -6.26 -4.77
C LEU A 34 -24.95 -5.08 -3.86
N VAL A 35 -23.79 -4.46 -3.99
CA VAL A 35 -23.44 -3.27 -3.23
C VAL A 35 -22.69 -2.31 -4.15
N ASP A 36 -23.07 -1.04 -4.11
CA ASP A 36 -22.41 0.01 -4.87
C ASP A 36 -22.90 1.35 -4.32
N TRP A 37 -22.29 2.43 -4.79
CA TRP A 37 -22.66 3.77 -4.34
C TRP A 37 -23.49 4.54 -5.36
N ASN A 38 -23.32 4.28 -6.65
CA ASN A 38 -24.11 4.94 -7.69
C ASN A 38 -25.45 4.21 -7.80
N LEU A 39 -26.40 4.60 -6.95
CA LEU A 39 -27.71 3.96 -6.96
C LEU A 39 -28.36 4.05 -8.32
N GLU A 40 -28.11 5.14 -9.06
CA GLU A 40 -28.69 5.28 -10.39
C GLU A 40 -28.24 4.14 -11.31
N ALA A 41 -26.94 3.87 -11.34
CA ALA A 41 -26.43 2.76 -12.13
C ALA A 41 -26.75 1.41 -11.51
N GLY A 42 -27.20 1.38 -10.26
CA GLY A 42 -27.48 0.13 -9.57
C GLY A 42 -28.89 -0.36 -9.76
N VAL A 43 -29.86 0.56 -9.73
CA VAL A 43 -31.25 0.16 -9.89
C VAL A 43 -31.49 -0.38 -11.30
N GLN A 44 -30.91 0.26 -12.32
CA GLN A 44 -31.03 -0.26 -13.68
C GLN A 44 -30.39 -1.63 -13.80
N CYS A 45 -29.22 -1.82 -13.16
CA CYS A 45 -28.58 -3.13 -13.17
C CYS A 45 -29.48 -4.17 -12.51
N LYS A 46 -30.09 -3.81 -11.38
CA LYS A 46 -31.00 -4.74 -10.70
C LYS A 46 -32.19 -5.09 -11.57
N ALA A 47 -32.77 -4.10 -12.24
CA ALA A 47 -33.91 -4.35 -13.12
C ALA A 47 -33.50 -5.27 -14.27
N ALA A 48 -32.34 -5.02 -14.88
CA ALA A 48 -31.87 -5.88 -15.95
C ALA A 48 -31.45 -7.25 -15.44
N LEU A 49 -31.22 -7.39 -14.14
CA LEU A 49 -30.78 -8.65 -13.56
C LEU A 49 -31.94 -9.57 -13.20
N ASP A 50 -33.02 -9.03 -12.63
CA ASP A 50 -34.14 -9.87 -12.25
C ASP A 50 -34.96 -10.31 -13.46
N GLU A 51 -34.68 -9.77 -14.65
CA GLU A 51 -35.38 -10.23 -15.85
C GLU A 51 -35.04 -11.68 -16.15
N GLN A 52 -33.74 -12.02 -16.14
CA GLN A 52 -33.30 -13.37 -16.46
C GLN A 52 -33.27 -14.29 -15.25
N PHE A 53 -33.51 -13.78 -14.05
CA PHE A 53 -33.42 -14.57 -12.83
C PHE A 53 -34.53 -14.14 -11.88
N GLU A 54 -34.90 -15.06 -10.98
CA GLU A 54 -36.08 -14.84 -10.17
C GLU A 54 -35.90 -13.61 -9.29
N PRO A 55 -36.99 -12.93 -8.93
CA PRO A 55 -36.86 -11.69 -8.14
C PRO A 55 -36.20 -11.88 -6.79
N GLN A 56 -36.38 -13.05 -6.16
CA GLN A 56 -35.98 -13.25 -4.79
C GLN A 56 -34.54 -13.74 -4.63
N LYS A 57 -33.80 -13.87 -5.72
CA LYS A 57 -32.43 -14.37 -5.65
C LYS A 57 -31.39 -13.26 -5.55
N THR A 58 -31.79 -11.99 -5.59
CA THR A 58 -30.84 -10.89 -5.55
C THR A 58 -31.39 -9.74 -4.72
N LEU A 59 -30.49 -9.00 -4.11
CA LEU A 59 -30.83 -7.78 -3.39
C LEU A 59 -29.79 -6.72 -3.72
N PHE A 60 -30.04 -5.48 -3.32
CA PHE A 60 -29.09 -4.40 -3.51
C PHE A 60 -29.08 -3.48 -2.29
N ILE A 61 -27.89 -3.08 -1.86
CA ILE A 61 -27.71 -2.14 -0.76
C ILE A 61 -26.68 -1.11 -1.20
N GLN A 62 -27.06 0.17 -1.12
CA GLN A 62 -26.18 1.26 -1.53
C GLN A 62 -25.33 1.71 -0.34
N CYS A 63 -24.01 1.73 -0.52
CA CYS A 63 -23.11 2.23 0.51
C CYS A 63 -21.71 2.35 -0.08
N ASP A 64 -20.86 3.09 0.63
CA ASP A 64 -19.46 3.25 0.27
C ASP A 64 -18.62 2.28 1.08
N VAL A 65 -17.64 1.66 0.44
CA VAL A 65 -16.86 0.60 1.05
C VAL A 65 -15.87 1.16 2.07
N ALA A 66 -15.78 2.49 2.17
CA ALA A 66 -14.81 3.11 3.05
C ALA A 66 -15.38 3.52 4.40
N ASP A 67 -16.69 3.65 4.52
CA ASP A 67 -17.33 3.99 5.78
C ASP A 67 -17.55 2.71 6.57
N GLN A 68 -16.81 2.56 7.68
CA GLN A 68 -16.86 1.31 8.44
C GLN A 68 -18.26 1.03 8.96
N GLN A 69 -18.92 2.05 9.51
CA GLN A 69 -20.27 1.85 10.05
C GLN A 69 -21.23 1.36 8.97
N GLN A 70 -20.92 1.61 7.70
CA GLN A 70 -21.76 1.13 6.61
C GLN A 70 -21.34 -0.25 6.12
N LEU A 71 -20.03 -0.54 6.11
CA LEU A 71 -19.59 -1.86 5.68
C LEU A 71 -19.91 -2.93 6.71
N ARG A 72 -20.07 -2.57 7.98
CA ARG A 72 -20.56 -3.53 8.96
C ARG A 72 -22.06 -3.77 8.77
N ASP A 73 -22.82 -2.70 8.56
CA ASP A 73 -24.27 -2.84 8.41
C ASP A 73 -24.62 -3.62 7.15
N THR A 74 -23.86 -3.43 6.08
CA THR A 74 -24.11 -4.18 4.86
C THR A 74 -23.99 -5.68 5.11
N PHE A 75 -22.89 -6.11 5.72
CA PHE A 75 -22.72 -7.53 6.05
C PHE A 75 -23.82 -8.00 6.99
N ARG A 76 -24.17 -7.19 7.99
CA ARG A 76 -25.20 -7.59 8.94
C ARG A 76 -26.53 -7.84 8.25
N LYS A 77 -26.96 -6.90 7.40
CA LYS A 77 -28.22 -7.07 6.69
C LYS A 77 -28.16 -8.24 5.72
N VAL A 78 -27.00 -8.47 5.10
CA VAL A 78 -26.88 -9.59 4.18
C VAL A 78 -27.06 -10.90 4.91
N VAL A 79 -26.42 -11.03 6.08
CA VAL A 79 -26.58 -12.25 6.87
C VAL A 79 -28.01 -12.37 7.37
N ASP A 80 -28.62 -11.25 7.74
CA ASP A 80 -30.02 -11.28 8.18
C ASP A 80 -30.93 -11.80 7.09
N HIS A 81 -30.74 -11.34 5.86
CA HIS A 81 -31.61 -11.75 4.76
C HIS A 81 -31.35 -13.19 4.36
N PHE A 82 -30.12 -13.48 3.91
CA PHE A 82 -29.81 -14.83 3.45
C PHE A 82 -29.55 -15.80 4.61
N GLY A 83 -29.27 -15.30 5.81
CA GLY A 83 -29.00 -16.16 6.94
C GLY A 83 -27.59 -16.67 7.02
N ARG A 84 -26.76 -16.46 6.00
CA ARG A 84 -25.40 -16.95 5.99
C ARG A 84 -24.53 -15.98 5.21
N LEU A 85 -23.33 -16.42 4.86
CA LEU A 85 -22.45 -15.69 3.95
C LEU A 85 -21.30 -16.62 3.60
N ASP A 86 -20.96 -16.72 2.33
CA ASP A 86 -19.89 -17.62 1.92
C ASP A 86 -18.85 -16.96 1.03
N ILE A 87 -19.26 -16.05 0.14
CA ILE A 87 -18.36 -15.47 -0.84
C ILE A 87 -18.38 -13.97 -0.67
N LEU A 88 -17.19 -13.37 -0.57
CA LEU A 88 -17.03 -11.93 -0.50
C LEU A 88 -16.17 -11.47 -1.67
N VAL A 89 -16.50 -10.32 -2.24
CA VAL A 89 -15.78 -9.76 -3.37
C VAL A 89 -15.61 -8.27 -3.13
N ASN A 90 -14.36 -7.83 -2.94
CA ASN A 90 -14.03 -6.42 -2.79
C ASN A 90 -13.54 -5.90 -4.13
N ASN A 91 -14.42 -5.20 -4.84
CA ASN A 91 -14.12 -4.71 -6.18
C ASN A 91 -14.10 -3.20 -6.30
N ALA A 92 -14.63 -2.48 -5.33
CA ALA A 92 -14.68 -1.02 -5.41
C ALA A 92 -13.29 -0.45 -5.64
N GLY A 93 -13.20 0.48 -6.59
CA GLY A 93 -11.93 1.12 -6.88
C GLY A 93 -12.14 2.34 -7.73
N VAL A 94 -11.12 3.23 -7.71
CA VAL A 94 -11.17 4.48 -8.45
C VAL A 94 -9.74 4.88 -8.76
N ASN A 95 -9.58 5.60 -9.86
CA ASN A 95 -8.30 6.19 -10.24
C ASN A 95 -8.38 7.70 -10.03
N ASN A 96 -7.48 8.23 -9.22
CA ASN A 96 -7.48 9.66 -8.90
C ASN A 96 -6.17 10.03 -8.21
N GLU A 97 -5.52 11.09 -8.66
CA GLU A 97 -4.26 11.53 -8.09
C GLU A 97 -4.35 12.88 -7.39
N LYS A 98 -5.50 13.56 -7.45
CA LYS A 98 -5.60 14.87 -6.82
C LYS A 98 -5.85 14.73 -5.32
N ASN A 99 -6.95 14.09 -4.95
CA ASN A 99 -7.21 13.73 -3.55
C ASN A 99 -6.61 12.34 -3.29
N TRP A 100 -5.28 12.30 -3.29
CA TRP A 100 -4.57 11.03 -3.22
C TRP A 100 -4.83 10.29 -1.91
N GLU A 101 -5.38 10.98 -0.90
CA GLU A 101 -5.80 10.28 0.31
C GLU A 101 -6.91 9.28 0.00
N LYS A 102 -7.87 9.67 -0.83
CA LYS A 102 -9.05 8.84 -1.06
C LYS A 102 -8.72 7.59 -1.86
N THR A 103 -7.80 7.69 -2.82
CA THR A 103 -7.39 6.50 -3.57
C THR A 103 -6.96 5.40 -2.61
N LEU A 104 -6.11 5.73 -1.64
CA LEU A 104 -5.67 4.73 -0.67
C LEU A 104 -6.80 4.34 0.27
N GLN A 105 -7.55 5.32 0.78
CA GLN A 105 -8.64 5.02 1.71
C GLN A 105 -9.65 4.05 1.11
N ILE A 106 -9.79 4.04 -0.22
CA ILE A 106 -10.77 3.20 -0.88
C ILE A 106 -10.13 1.89 -1.32
N ASN A 107 -9.11 1.97 -2.17
CA ASN A 107 -8.56 0.76 -2.75
C ASN A 107 -7.91 -0.15 -1.70
N LEU A 108 -7.39 0.42 -0.61
CA LEU A 108 -6.57 -0.33 0.34
C LEU A 108 -7.27 -0.57 1.67
N VAL A 109 -7.72 0.50 2.34
CA VAL A 109 -8.31 0.33 3.67
C VAL A 109 -9.62 -0.43 3.59
N SER A 110 -10.48 -0.07 2.64
CA SER A 110 -11.79 -0.71 2.54
C SER A 110 -11.65 -2.21 2.32
N VAL A 111 -10.69 -2.61 1.50
CA VAL A 111 -10.49 -4.03 1.22
C VAL A 111 -10.16 -4.76 2.52
N ILE A 112 -9.24 -4.21 3.31
CA ILE A 112 -8.84 -4.86 4.55
C ILE A 112 -10.01 -4.93 5.52
N SER A 113 -10.78 -3.86 5.63
CA SER A 113 -11.90 -3.87 6.56
C SER A 113 -12.93 -4.92 6.15
N GLY A 114 -13.24 -5.00 4.85
CA GLY A 114 -14.17 -6.00 4.39
C GLY A 114 -13.66 -7.41 4.60
N THR A 115 -12.37 -7.62 4.38
CA THR A 115 -11.80 -8.95 4.59
C THR A 115 -11.89 -9.36 6.06
N TYR A 116 -11.58 -8.45 6.98
CA TYR A 116 -11.67 -8.78 8.39
C TYR A 116 -13.11 -9.06 8.79
N LEU A 117 -14.05 -8.25 8.30
CA LEU A 117 -15.46 -8.52 8.61
C LEU A 117 -15.90 -9.88 8.07
N GLY A 118 -15.45 -10.23 6.86
CA GLY A 118 -15.78 -11.53 6.31
C GLY A 118 -15.19 -12.67 7.11
N LEU A 119 -13.94 -12.52 7.55
CA LEU A 119 -13.33 -13.54 8.39
C LEU A 119 -14.10 -13.71 9.70
N ASP A 120 -14.52 -12.59 10.29
CA ASP A 120 -15.31 -12.67 11.51
C ASP A 120 -16.64 -13.39 11.25
N TYR A 121 -17.26 -13.13 10.11
CA TYR A 121 -18.57 -13.71 9.80
C TYR A 121 -18.50 -15.09 9.16
N MET A 122 -17.32 -15.62 8.89
CA MET A 122 -17.22 -16.91 8.19
C MET A 122 -16.33 -17.91 8.91
N SER A 123 -15.42 -17.43 9.75
CA SER A 123 -14.46 -18.33 10.40
C SER A 123 -15.18 -19.34 11.27
N LYS A 124 -14.72 -20.59 11.22
CA LYS A 124 -15.28 -21.64 12.07
C LYS A 124 -15.10 -21.32 13.54
N GLN A 125 -14.12 -20.48 13.89
CA GLN A 125 -13.82 -20.21 15.29
C GLN A 125 -14.93 -19.46 16.00
N ASN A 126 -15.86 -18.84 15.27
CA ASN A 126 -16.90 -18.02 15.88
C ASN A 126 -18.29 -18.36 15.36
N GLY A 127 -18.54 -19.65 15.11
CA GLY A 127 -19.88 -20.09 14.82
C GLY A 127 -20.35 -19.93 13.40
N GLY A 128 -19.44 -19.67 12.47
CA GLY A 128 -19.78 -19.57 11.06
C GLY A 128 -19.79 -20.93 10.41
N GLU A 129 -19.61 -20.93 9.09
CA GLU A 129 -19.53 -22.17 8.33
C GLU A 129 -18.37 -22.21 7.35
N GLY A 130 -17.84 -21.08 6.92
CA GLY A 130 -16.76 -21.03 5.97
C GLY A 130 -17.20 -20.53 4.60
N GLY A 131 -16.21 -20.27 3.75
CA GLY A 131 -16.45 -19.76 2.42
C GLY A 131 -15.20 -19.26 1.73
N ILE A 132 -15.25 -18.05 1.16
CA ILE A 132 -14.10 -17.50 0.45
C ILE A 132 -14.22 -15.98 0.41
N ILE A 133 -13.07 -15.31 0.42
CA ILE A 133 -12.99 -13.86 0.29
C ILE A 133 -12.03 -13.54 -0.85
N ILE A 134 -12.43 -12.63 -1.72
CA ILE A 134 -11.70 -12.32 -2.95
C ILE A 134 -11.58 -10.81 -3.06
N ASN A 135 -10.41 -10.33 -3.47
CA ASN A 135 -10.12 -8.92 -3.60
C ASN A 135 -9.66 -8.60 -5.02
N MET A 136 -9.96 -7.40 -5.48
CA MET A 136 -9.65 -6.99 -6.85
C MET A 136 -8.47 -6.03 -6.84
N SER A 137 -7.42 -6.40 -7.56
CA SER A 137 -6.23 -5.58 -7.78
C SER A 137 -6.01 -5.50 -9.27
N SER A 138 -4.85 -5.03 -9.71
CA SER A 138 -4.55 -4.92 -11.14
C SER A 138 -3.04 -5.06 -11.32
N LEU A 139 -2.61 -5.00 -12.58
CA LEU A 139 -1.18 -5.06 -12.87
C LEU A 139 -0.45 -3.85 -12.34
N ALA A 140 -1.17 -2.79 -11.96
CA ALA A 140 -0.52 -1.65 -11.31
C ALA A 140 0.21 -2.08 -10.05
N GLY A 141 -0.28 -3.11 -9.37
CA GLY A 141 0.37 -3.63 -8.20
C GLY A 141 1.59 -4.48 -8.46
N LEU A 142 1.95 -4.67 -9.73
CA LEU A 142 3.10 -5.49 -10.09
C LEU A 142 3.97 -4.85 -11.16
N MET A 143 3.67 -3.62 -11.58
CA MET A 143 4.52 -2.87 -12.49
C MET A 143 4.30 -1.39 -12.24
N PRO A 144 5.31 -0.55 -12.50
CA PRO A 144 5.18 0.88 -12.18
C PRO A 144 4.42 1.63 -13.26
N VAL A 145 3.37 2.33 -12.86
CA VAL A 145 2.64 3.24 -13.74
C VAL A 145 3.26 4.62 -13.60
N ALA A 146 3.52 5.27 -14.74
CA ALA A 146 4.27 6.52 -14.72
C ALA A 146 3.54 7.61 -13.96
N GLN A 147 2.27 7.85 -14.31
CA GLN A 147 1.56 9.05 -13.84
C GLN A 147 0.77 8.83 -12.57
N GLN A 148 0.63 7.59 -12.10
CA GLN A 148 -0.31 7.24 -11.03
C GLN A 148 0.41 6.49 -9.93
N PRO A 149 1.19 7.19 -9.10
CA PRO A 149 1.93 6.48 -8.05
C PRO A 149 1.05 6.00 -6.90
N VAL A 150 0.07 6.80 -6.47
CA VAL A 150 -0.80 6.39 -5.37
C VAL A 150 -1.58 5.14 -5.74
N TYR A 151 -1.97 5.01 -7.01
CA TYR A 151 -2.65 3.80 -7.48
C TYR A 151 -1.77 2.58 -7.29
N CYS A 152 -0.49 2.71 -7.64
CA CYS A 152 0.46 1.62 -7.42
C CYS A 152 0.59 1.30 -5.94
N ALA A 153 0.60 2.32 -5.10
CA ALA A 153 0.68 2.08 -3.66
C ALA A 153 -0.50 1.25 -3.19
N SER A 154 -1.72 1.63 -3.59
CA SER A 154 -2.90 0.88 -3.16
C SER A 154 -2.88 -0.56 -3.67
N LYS A 155 -2.54 -0.76 -4.95
CA LYS A 155 -2.54 -2.10 -5.51
C LYS A 155 -1.48 -2.97 -4.85
N HIS A 156 -0.27 -2.44 -4.64
CA HIS A 156 0.78 -3.19 -3.97
C HIS A 156 0.35 -3.55 -2.55
N GLY A 157 -0.27 -2.60 -1.84
CA GLY A 157 -0.74 -2.89 -0.49
C GLY A 157 -1.75 -4.01 -0.47
N ILE A 158 -2.69 -4.00 -1.42
CA ILE A 158 -3.68 -5.07 -1.49
C ILE A 158 -3.01 -6.40 -1.74
N VAL A 159 -2.05 -6.44 -2.67
CA VAL A 159 -1.36 -7.70 -2.96
C VAL A 159 -0.73 -8.25 -1.69
N GLY A 160 0.02 -7.40 -0.98
CA GLY A 160 0.69 -7.87 0.22
C GLY A 160 -0.28 -8.33 1.29
N PHE A 161 -1.32 -7.54 1.54
CA PHE A 161 -2.25 -7.89 2.61
C PHE A 161 -2.98 -9.18 2.30
N THR A 162 -3.37 -9.39 1.04
CA THR A 162 -3.99 -10.65 0.67
C THR A 162 -3.04 -11.80 0.93
N ARG A 163 -1.81 -11.71 0.38
CA ARG A 163 -0.88 -12.83 0.51
C ARG A 163 -0.51 -13.11 1.96
N SER A 164 -0.70 -12.14 2.85
CA SER A 164 -0.37 -12.36 4.25
C SER A 164 -1.57 -12.86 5.05
N ALA A 165 -2.73 -12.23 4.91
CA ALA A 165 -3.90 -12.64 5.66
C ALA A 165 -4.37 -14.02 5.26
N ALA A 166 -4.14 -14.43 4.00
CA ALA A 166 -4.49 -15.78 3.59
C ALA A 166 -3.77 -16.80 4.47
N LEU A 167 -2.45 -16.65 4.61
CA LEU A 167 -1.68 -17.58 5.44
C LEU A 167 -1.98 -17.39 6.91
N ALA A 168 -2.29 -16.16 7.34
CA ALA A 168 -2.62 -15.93 8.74
C ALA A 168 -3.86 -16.70 9.15
N ALA A 169 -4.90 -16.67 8.30
CA ALA A 169 -6.11 -17.43 8.60
C ALA A 169 -5.94 -18.92 8.33
N ASN A 170 -5.07 -19.28 7.38
CA ASN A 170 -4.86 -20.68 7.05
C ASN A 170 -4.22 -21.44 8.20
N LEU A 171 -3.18 -20.87 8.82
CA LEU A 171 -2.50 -21.55 9.91
C LEU A 171 -3.34 -21.57 11.18
N MET A 172 -4.24 -20.61 11.36
CA MET A 172 -5.07 -20.57 12.56
C MET A 172 -6.15 -21.65 12.54
N ASN A 173 -6.30 -22.38 11.44
CA ASN A 173 -7.39 -23.35 11.28
C ASN A 173 -8.75 -22.66 11.37
N SER A 174 -8.97 -21.73 10.42
CA SER A 174 -10.19 -20.94 10.35
C SER A 174 -11.13 -21.39 9.24
N GLY A 175 -10.61 -21.99 8.17
CA GLY A 175 -11.45 -22.48 7.10
C GLY A 175 -11.58 -21.54 5.93
N VAL A 176 -11.63 -20.23 6.21
CA VAL A 176 -11.81 -19.25 5.15
C VAL A 176 -10.56 -19.17 4.29
N ARG A 177 -10.75 -18.85 3.01
CA ARG A 177 -9.67 -18.60 2.07
C ARG A 177 -9.71 -17.16 1.61
N LEU A 178 -8.52 -16.60 1.36
CA LEU A 178 -8.38 -15.23 0.87
C LEU A 178 -7.55 -15.23 -0.39
N ASN A 179 -8.05 -14.55 -1.43
CA ASN A 179 -7.35 -14.45 -2.70
C ASN A 179 -7.57 -13.07 -3.29
N ALA A 180 -6.74 -12.72 -4.27
CA ALA A 180 -6.85 -11.45 -4.97
C ALA A 180 -6.62 -11.67 -6.47
N ILE A 181 -7.40 -10.99 -7.29
CA ILE A 181 -7.35 -11.14 -8.73
C ILE A 181 -6.99 -9.80 -9.37
N CYS A 182 -6.19 -9.85 -10.43
CA CYS A 182 -5.74 -8.66 -11.14
C CYS A 182 -6.12 -8.78 -12.62
N PRO A 183 -6.96 -7.90 -13.14
CA PRO A 183 -7.28 -7.94 -14.57
C PRO A 183 -6.38 -7.01 -15.37
N GLY A 184 -6.35 -7.25 -16.68
CA GLY A 184 -5.65 -6.38 -17.60
C GLY A 184 -6.47 -5.14 -17.91
N PHE A 185 -5.89 -4.28 -18.76
CA PHE A 185 -6.56 -3.05 -19.16
C PHE A 185 -7.86 -3.40 -19.89
N VAL A 186 -8.99 -3.08 -19.27
CA VAL A 186 -10.31 -3.45 -19.78
C VAL A 186 -11.14 -2.17 -19.92
N LEU A 220 -9.79 -6.15 -23.85
CA LEU A 220 -10.05 -7.25 -22.94
C LEU A 220 -11.53 -7.24 -22.57
N ASP A 221 -12.20 -8.37 -22.80
CA ASP A 221 -13.63 -8.45 -22.53
C ASP A 221 -13.89 -8.37 -21.04
N PRO A 222 -14.75 -7.46 -20.58
CA PRO A 222 -15.09 -7.42 -19.15
C PRO A 222 -15.60 -8.76 -18.65
N PRO A 223 -16.40 -9.48 -19.44
CA PRO A 223 -16.77 -10.85 -19.05
C PRO A 223 -15.59 -11.67 -18.55
N LEU A 224 -14.41 -11.50 -19.17
CA LEU A 224 -13.27 -12.32 -18.82
C LEU A 224 -12.93 -12.22 -17.34
N ILE A 225 -13.31 -11.14 -16.67
CA ILE A 225 -13.05 -11.01 -15.25
C ILE A 225 -14.08 -11.77 -14.42
N ALA A 226 -15.36 -11.70 -14.79
CA ALA A 226 -16.37 -12.48 -14.09
C ALA A 226 -16.23 -13.96 -14.41
N ASN A 227 -15.68 -14.29 -15.58
CA ASN A 227 -15.29 -15.67 -15.86
C ASN A 227 -14.14 -16.11 -14.97
N GLY A 228 -13.49 -15.18 -14.27
CA GLY A 228 -12.43 -15.52 -13.34
C GLY A 228 -12.92 -15.62 -11.91
N LEU A 229 -13.81 -14.72 -11.50
CA LEU A 229 -14.31 -14.75 -10.13
C LEU A 229 -14.89 -16.11 -9.79
N ILE A 230 -15.77 -16.61 -10.66
CA ILE A 230 -16.37 -17.93 -10.41
C ILE A 230 -15.27 -18.96 -10.19
N THR A 231 -14.22 -18.89 -11.00
CA THR A 231 -13.15 -19.87 -10.88
C THR A 231 -12.63 -19.95 -9.45
N LEU A 232 -12.45 -18.79 -8.80
CA LEU A 232 -11.94 -18.80 -7.44
C LEU A 232 -12.88 -19.55 -6.51
N ILE A 233 -14.19 -19.30 -6.65
CA ILE A 233 -15.16 -19.99 -5.82
C ILE A 233 -15.21 -21.48 -6.14
N GLU A 234 -14.75 -21.87 -7.34
CA GLU A 234 -14.82 -23.28 -7.72
C GLU A 234 -13.75 -24.10 -7.01
N ASP A 235 -12.48 -23.78 -7.24
CA ASP A 235 -11.40 -24.55 -6.67
C ASP A 235 -11.29 -24.29 -5.16
N ASP A 236 -10.86 -25.32 -4.43
CA ASP A 236 -10.65 -25.22 -2.99
C ASP A 236 -9.22 -25.47 -2.57
N ALA A 237 -8.33 -25.87 -3.48
CA ALA A 237 -6.93 -26.09 -3.16
C ALA A 237 -6.08 -24.84 -3.35
N LEU A 238 -6.69 -23.72 -3.72
CA LEU A 238 -5.98 -22.47 -3.97
C LEU A 238 -6.28 -21.47 -2.86
N ASN A 239 -5.24 -20.83 -2.33
CA ASN A 239 -5.39 -19.80 -1.32
C ASN A 239 -4.32 -18.73 -1.56
N GLY A 240 -4.75 -17.48 -1.62
CA GLY A 240 -3.85 -16.38 -1.83
C GLY A 240 -3.13 -16.43 -3.17
N ALA A 241 -3.87 -16.69 -4.24
CA ALA A 241 -3.31 -16.74 -5.59
C ALA A 241 -3.61 -15.46 -6.34
N ILE A 242 -2.61 -14.97 -7.08
CA ILE A 242 -2.73 -13.73 -7.84
C ILE A 242 -2.90 -14.11 -9.31
N MET A 243 -4.08 -13.83 -9.87
CA MET A 243 -4.39 -14.14 -11.25
C MET A 243 -4.18 -12.91 -12.11
N LYS A 244 -3.43 -13.06 -13.20
CA LYS A 244 -3.08 -11.96 -14.09
C LYS A 244 -3.56 -12.28 -15.50
N ILE A 245 -4.10 -11.26 -16.17
CA ILE A 245 -4.70 -11.40 -17.49
C ILE A 245 -3.90 -10.53 -18.45
N THR A 246 -3.35 -11.16 -19.49
CA THR A 246 -2.60 -10.46 -20.52
C THR A 246 -3.00 -11.00 -21.88
N THR A 247 -3.05 -10.11 -22.88
CA THR A 247 -3.45 -10.49 -24.23
C THR A 247 -2.25 -10.90 -25.08
N SER A 248 -1.42 -11.78 -24.53
CA SER A 248 -0.36 -12.44 -25.29
C SER A 248 -0.35 -13.93 -25.01
N LYS A 249 -0.83 -14.32 -23.83
CA LYS A 249 -0.91 -15.71 -23.43
C LYS A 249 -2.22 -16.07 -22.77
N GLY A 250 -3.02 -15.09 -22.34
CA GLY A 250 -4.30 -15.35 -21.71
C GLY A 250 -4.30 -15.06 -20.22
N ILE A 251 -4.35 -16.12 -19.41
CA ILE A 251 -4.43 -16.01 -17.96
C ILE A 251 -3.28 -16.80 -17.35
N HIS A 252 -2.63 -16.22 -16.35
CA HIS A 252 -1.55 -16.89 -15.64
C HIS A 252 -1.57 -16.42 -14.18
N PHE A 253 -0.55 -16.82 -13.43
CA PHE A 253 -0.45 -16.48 -12.02
C PHE A 253 0.95 -15.97 -11.70
N GLN A 254 1.02 -15.08 -10.71
CA GLN A 254 2.29 -14.52 -10.29
C GLN A 254 3.17 -15.60 -9.68
N ASP A 255 4.49 -15.47 -9.91
CA ASP A 255 5.47 -16.41 -9.40
C ASP A 255 6.27 -15.76 -8.27
N TYR A 256 6.46 -16.53 -7.19
CA TYR A 256 7.22 -16.06 -6.04
C TYR A 256 8.36 -17.01 -5.72
N MET B 1 31.87 11.57 -4.96
CA MET B 1 31.88 13.03 -4.70
C MET B 1 31.90 13.29 -3.19
N HIS B 2 32.09 14.56 -2.82
CA HIS B 2 32.12 14.97 -1.42
C HIS B 2 30.72 15.47 -1.03
N VAL B 3 30.20 14.92 0.06
CA VAL B 3 28.86 15.27 0.53
C VAL B 3 28.93 16.49 1.44
N ASN B 4 30.09 17.12 1.50
CA ASN B 4 30.27 18.26 2.40
C ASN B 4 29.40 19.43 1.97
N GLY B 5 28.95 20.20 2.95
CA GLY B 5 28.14 21.37 2.69
C GLY B 5 26.66 21.07 2.55
N LYS B 6 26.34 19.91 1.97
CA LYS B 6 24.96 19.53 1.73
C LYS B 6 24.14 19.60 3.02
N VAL B 7 22.83 19.70 2.86
CA VAL B 7 21.90 19.70 3.97
C VAL B 7 20.95 18.52 3.82
N ALA B 8 20.65 17.87 4.93
CA ALA B 8 19.85 16.65 4.93
C ALA B 8 18.77 16.71 5.99
N LEU B 9 17.68 15.99 5.73
CA LEU B 9 16.55 15.87 6.64
C LEU B 9 16.24 14.40 6.81
N VAL B 10 16.57 13.84 7.98
CA VAL B 10 16.29 12.44 8.29
C VAL B 10 15.14 12.41 9.29
N THR B 11 14.08 11.67 8.96
CA THR B 11 12.87 11.67 9.77
C THR B 11 12.89 10.51 10.76
N GLY B 12 12.52 10.80 12.00
CA GLY B 12 12.49 9.79 13.04
C GLY B 12 13.87 9.25 13.37
N ALA B 13 14.72 10.08 13.97
CA ALA B 13 16.12 9.71 14.23
C ALA B 13 16.53 9.96 15.67
N ALA B 14 15.58 9.88 16.61
CA ALA B 14 15.92 10.06 18.01
C ALA B 14 16.51 8.81 18.64
N GLN B 15 16.36 7.65 18.00
CA GLN B 15 16.93 6.41 18.52
C GLN B 15 16.87 5.31 17.48
N GLY B 16 17.98 4.66 17.21
CA GLY B 16 18.05 3.53 16.32
C GLY B 16 18.73 3.85 15.02
N ILE B 17 18.35 3.08 13.99
CA ILE B 17 19.00 3.21 12.68
C ILE B 17 18.93 4.64 12.19
N GLY B 18 17.77 5.28 12.35
CA GLY B 18 17.64 6.69 12.03
C GLY B 18 18.81 7.49 12.59
N ARG B 19 18.98 7.47 13.91
CA ARG B 19 20.11 8.17 14.51
C ARG B 19 21.40 7.78 13.84
N ALA B 20 21.60 6.47 13.63
CA ALA B 20 22.83 6.01 13.00
C ALA B 20 23.08 6.77 11.70
N PHE B 21 22.05 6.83 10.84
CA PHE B 21 22.18 7.56 9.58
C PHE B 21 22.83 8.92 9.83
N ALA B 22 22.24 9.69 10.74
CA ALA B 22 22.72 11.04 10.98
C ALA B 22 24.23 11.04 11.20
N GLU B 23 24.72 10.15 12.07
CA GLU B 23 26.14 10.09 12.35
C GLU B 23 26.95 10.18 11.06
N ALA B 24 26.70 9.24 10.14
CA ALA B 24 27.49 9.20 8.92
C ALA B 24 27.47 10.56 8.23
N LEU B 25 26.26 11.10 8.01
CA LEU B 25 26.17 12.38 7.33
C LEU B 25 26.96 13.44 8.09
N LEU B 26 26.79 13.49 9.41
CA LEU B 26 27.52 14.48 10.20
C LEU B 26 29.01 14.27 10.08
N LEU B 27 29.45 13.02 10.06
CA LEU B 27 30.87 12.74 9.90
C LEU B 27 31.37 12.96 8.49
N LYS B 28 30.46 13.09 7.52
CA LYS B 28 30.84 13.31 6.13
C LYS B 28 30.91 14.79 5.78
N GLY B 29 30.65 15.68 6.73
CA GLY B 29 30.75 17.10 6.51
C GLY B 29 29.45 17.82 6.23
N ALA B 30 28.33 17.12 6.21
CA ALA B 30 27.05 17.75 5.95
C ALA B 30 26.50 18.36 7.24
N LYS B 31 25.27 18.84 7.20
CA LYS B 31 24.59 19.36 8.38
C LYS B 31 23.19 18.78 8.41
N VAL B 32 22.80 18.20 9.54
CA VAL B 32 21.60 17.37 9.63
C VAL B 32 20.64 18.00 10.64
N ALA B 33 19.39 18.11 10.24
CA ALA B 33 18.30 18.51 11.13
C ALA B 33 17.48 17.26 11.41
N LEU B 34 17.81 16.58 12.50
CA LEU B 34 17.03 15.42 12.91
C LEU B 34 15.59 15.84 13.15
N VAL B 35 14.66 14.99 12.74
CA VAL B 35 13.23 15.24 12.90
C VAL B 35 12.62 14.04 13.59
N ASP B 36 12.01 14.27 14.76
CA ASP B 36 11.29 13.21 15.46
C ASP B 36 10.59 13.83 16.66
N TRP B 37 9.52 13.18 17.09
CA TRP B 37 8.74 13.65 18.22
C TRP B 37 9.22 13.08 19.55
N ASN B 38 10.21 12.18 19.52
CA ASN B 38 10.79 11.61 20.72
C ASN B 38 11.79 12.62 21.30
N LEU B 39 11.23 13.69 21.89
CA LEU B 39 12.05 14.79 22.36
C LEU B 39 13.06 14.33 23.41
N GLU B 40 12.61 13.47 24.34
CA GLU B 40 13.52 12.98 25.37
C GLU B 40 14.68 12.21 24.76
N ALA B 41 14.41 11.40 23.74
CA ALA B 41 15.48 10.69 23.06
C ALA B 41 16.21 11.54 22.04
N GLY B 42 15.56 12.53 21.45
CA GLY B 42 16.18 13.36 20.44
C GLY B 42 17.19 14.33 21.02
N VAL B 43 16.86 14.91 22.17
CA VAL B 43 17.80 15.82 22.83
C VAL B 43 19.07 15.07 23.22
N GLN B 44 18.91 13.86 23.78
CA GLN B 44 20.08 13.06 24.11
C GLN B 44 20.85 12.68 22.86
N CYS B 45 20.14 12.40 21.75
CA CYS B 45 20.82 12.07 20.51
C CYS B 45 21.69 13.22 20.05
N LYS B 46 21.14 14.44 20.05
CA LYS B 46 21.94 15.59 19.67
C LYS B 46 23.13 15.78 20.63
N ALA B 47 22.89 15.61 21.92
CA ALA B 47 23.97 15.73 22.89
C ALA B 47 25.10 14.78 22.57
N ALA B 48 24.77 13.50 22.34
CA ALA B 48 25.80 12.51 22.03
C ALA B 48 26.51 12.87 20.74
N LEU B 49 25.76 13.31 19.73
CA LEU B 49 26.35 13.66 18.45
C LEU B 49 27.31 14.85 18.58
N ASP B 50 27.06 15.75 19.52
CA ASP B 50 27.86 16.98 19.60
C ASP B 50 29.33 16.66 19.86
N GLU B 51 29.61 15.69 20.72
CA GLU B 51 30.96 15.54 21.25
C GLU B 51 32.01 15.41 20.15
N GLN B 52 31.63 14.88 18.99
CA GLN B 52 32.55 14.72 17.88
C GLN B 52 32.20 15.62 16.70
N PHE B 53 31.27 16.57 16.87
CA PHE B 53 30.83 17.43 15.79
C PHE B 53 30.54 18.83 16.32
N GLU B 54 30.89 19.84 15.54
CA GLU B 54 30.59 21.20 15.95
C GLU B 54 29.07 21.37 16.10
N PRO B 55 28.62 22.11 17.11
CA PRO B 55 27.18 22.13 17.43
C PRO B 55 26.32 22.91 16.45
N GLN B 56 26.90 23.55 15.43
CA GLN B 56 26.11 24.26 14.44
C GLN B 56 25.70 23.39 13.26
N LYS B 57 26.17 22.15 13.20
CA LYS B 57 25.82 21.23 12.13
C LYS B 57 24.78 20.20 12.56
N THR B 58 24.14 20.39 13.72
CA THR B 58 23.14 19.47 14.23
C THR B 58 21.95 20.28 14.73
N LEU B 59 20.78 20.05 14.14
CA LEU B 59 19.55 20.69 14.57
C LEU B 59 18.53 19.59 14.86
N PHE B 60 17.47 19.97 15.59
CA PHE B 60 16.42 19.03 15.92
C PHE B 60 15.06 19.71 15.83
N ILE B 61 14.07 18.96 15.33
CA ILE B 61 12.69 19.43 15.24
C ILE B 61 11.79 18.33 15.78
N GLN B 62 10.62 18.74 16.27
CA GLN B 62 9.64 17.83 16.85
C GLN B 62 8.37 17.86 16.01
N CYS B 63 8.13 16.79 15.26
CA CYS B 63 6.89 16.67 14.49
C CYS B 63 6.68 15.22 14.09
N ASP B 64 5.59 14.62 14.56
CA ASP B 64 5.23 13.28 14.12
C ASP B 64 4.92 13.31 12.63
N VAL B 65 5.44 12.32 11.90
CA VAL B 65 5.29 12.30 10.43
C VAL B 65 3.98 11.58 10.15
N ALA B 66 2.89 12.30 10.36
CA ALA B 66 1.56 11.86 9.94
C ALA B 66 0.70 12.98 9.38
N ASP B 67 1.05 14.24 9.60
CA ASP B 67 0.22 15.38 9.22
C ASP B 67 0.95 16.19 8.17
N GLN B 68 0.23 16.57 7.12
CA GLN B 68 0.86 17.32 6.03
C GLN B 68 1.36 18.68 6.52
N GLN B 69 0.57 19.36 7.35
CA GLN B 69 0.95 20.70 7.78
C GLN B 69 2.27 20.66 8.55
N GLN B 70 2.41 19.74 9.49
CA GLN B 70 3.63 19.67 10.29
C GLN B 70 4.83 19.28 9.43
N LEU B 71 4.65 18.35 8.50
CA LEU B 71 5.77 17.96 7.63
C LEU B 71 6.20 19.13 6.75
N ARG B 72 5.24 19.87 6.19
CA ARG B 72 5.57 21.04 5.39
C ARG B 72 6.30 22.08 6.23
N ASP B 73 5.82 22.31 7.46
CA ASP B 73 6.49 23.27 8.34
C ASP B 73 7.92 22.83 8.64
N THR B 74 8.12 21.52 8.86
CA THR B 74 9.46 21.02 9.13
C THR B 74 10.38 21.25 7.94
N PHE B 75 9.90 20.97 6.73
CA PHE B 75 10.72 21.19 5.54
C PHE B 75 11.04 22.68 5.39
N ARG B 76 10.06 23.54 5.61
CA ARG B 76 10.28 24.98 5.51
C ARG B 76 11.33 25.44 6.50
N LYS B 77 11.24 24.98 7.75
CA LYS B 77 12.22 25.37 8.75
C LYS B 77 13.60 24.86 8.40
N VAL B 78 13.69 23.64 7.89
CA VAL B 78 14.99 23.11 7.45
C VAL B 78 15.61 24.04 6.42
N VAL B 79 14.90 24.24 5.30
CA VAL B 79 15.47 25.01 4.21
C VAL B 79 15.68 26.46 4.58
N ASP B 80 14.95 26.98 5.57
CA ASP B 80 15.17 28.35 6.02
C ASP B 80 16.40 28.45 6.91
N HIS B 81 16.42 27.71 8.01
CA HIS B 81 17.53 27.80 8.95
C HIS B 81 18.85 27.40 8.30
N PHE B 82 18.81 26.52 7.31
CA PHE B 82 20.03 26.12 6.61
C PHE B 82 20.16 26.74 5.22
N GLY B 83 19.05 27.18 4.63
CA GLY B 83 19.08 27.88 3.36
C GLY B 83 18.74 27.02 2.16
N ARG B 84 18.74 25.71 2.29
CA ARG B 84 18.51 24.82 1.16
C ARG B 84 18.24 23.42 1.69
N LEU B 85 18.21 22.44 0.79
CA LEU B 85 18.06 21.04 1.16
C LEU B 85 18.49 20.19 -0.02
N ASP B 86 19.22 19.11 0.27
CA ASP B 86 19.72 18.22 -0.77
C ASP B 86 19.47 16.74 -0.51
N ILE B 87 19.34 16.32 0.74
CA ILE B 87 19.17 14.90 1.08
C ILE B 87 17.94 14.74 1.94
N LEU B 88 17.09 13.77 1.60
CA LEU B 88 15.92 13.43 2.39
C LEU B 88 15.94 11.95 2.71
N VAL B 89 15.68 11.61 3.97
CA VAL B 89 15.62 10.22 4.43
C VAL B 89 14.28 10.03 5.13
N ASN B 90 13.40 9.23 4.54
CA ASN B 90 12.09 8.91 5.11
C ASN B 90 12.17 7.51 5.69
N ASN B 91 12.34 7.42 7.01
CA ASN B 91 12.55 6.15 7.69
C ASN B 91 11.66 5.92 8.90
N ALA B 92 11.02 6.95 9.44
CA ALA B 92 10.17 6.77 10.61
C ALA B 92 9.13 5.70 10.33
N GLY B 93 8.94 4.80 11.31
CA GLY B 93 7.97 3.73 11.15
C GLY B 93 7.70 3.04 12.47
N VAL B 94 6.58 2.32 12.51
CA VAL B 94 6.14 1.61 13.69
C VAL B 94 5.70 0.22 13.28
N ASN B 95 5.98 -0.77 14.13
CA ASN B 95 5.60 -2.16 13.88
C ASN B 95 4.46 -2.51 14.83
N ASN B 96 3.28 -2.76 14.26
CA ASN B 96 2.09 -3.04 15.04
C ASN B 96 1.01 -3.58 14.11
N GLU B 97 0.31 -4.61 14.54
CA GLU B 97 -0.80 -5.20 13.79
C GLU B 97 -2.17 -4.87 14.35
N LYS B 98 -2.27 -4.64 15.65
CA LYS B 98 -3.58 -4.42 16.26
C LYS B 98 -4.25 -3.19 15.68
N ASN B 99 -3.64 -2.02 15.87
CA ASN B 99 -4.18 -0.77 15.34
C ASN B 99 -3.53 -0.51 13.97
N TRP B 100 -3.86 -1.38 13.03
CA TRP B 100 -3.22 -1.34 11.71
C TRP B 100 -3.53 -0.07 10.95
N GLU B 101 -4.57 0.67 11.35
CA GLU B 101 -4.83 1.97 10.75
C GLU B 101 -3.60 2.86 10.84
N LYS B 102 -3.00 2.92 12.03
CA LYS B 102 -1.77 3.70 12.21
C LYS B 102 -0.61 3.06 11.46
N THR B 103 -0.53 1.73 11.46
CA THR B 103 0.55 1.07 10.74
C THR B 103 0.53 1.43 9.26
N LEU B 104 -0.66 1.70 8.71
CA LEU B 104 -0.77 2.06 7.31
C LEU B 104 -0.69 3.56 7.09
N GLN B 105 -1.10 4.37 8.08
CA GLN B 105 -1.01 5.81 7.96
C GLN B 105 0.42 6.32 8.15
N ILE B 106 1.27 5.55 8.82
CA ILE B 106 2.64 6.00 9.09
C ILE B 106 3.58 5.56 7.98
N ASN B 107 3.67 4.26 7.75
CA ASN B 107 4.70 3.74 6.84
C ASN B 107 4.51 4.26 5.42
N LEU B 108 3.28 4.29 4.93
CA LEU B 108 3.01 4.52 3.51
C LEU B 108 2.56 5.93 3.18
N VAL B 109 1.65 6.51 3.98
CA VAL B 109 1.16 7.86 3.68
C VAL B 109 2.27 8.89 3.86
N SER B 110 2.98 8.82 4.99
CA SER B 110 3.95 9.85 5.30
C SER B 110 5.15 9.80 4.36
N VAL B 111 5.52 8.62 3.88
CA VAL B 111 6.59 8.54 2.89
C VAL B 111 6.21 9.28 1.62
N ILE B 112 4.97 9.09 1.15
CA ILE B 112 4.53 9.78 -0.05
C ILE B 112 4.49 11.28 0.17
N SER B 113 3.96 11.71 1.31
CA SER B 113 3.94 13.15 1.60
C SER B 113 5.35 13.73 1.60
N GLY B 114 6.28 13.02 2.24
CA GLY B 114 7.65 13.51 2.29
C GLY B 114 8.29 13.58 0.92
N THR B 115 8.04 12.57 0.09
CA THR B 115 8.65 12.58 -1.24
C THR B 115 8.07 13.71 -2.09
N TYR B 116 6.77 13.97 -1.97
CA TYR B 116 6.17 15.09 -2.70
C TYR B 116 6.75 16.41 -2.22
N LEU B 117 6.90 16.59 -0.90
CA LEU B 117 7.50 17.82 -0.40
C LEU B 117 8.95 17.97 -0.86
N GLY B 118 9.69 16.87 -0.89
CA GLY B 118 11.06 16.93 -1.36
C GLY B 118 11.13 17.32 -2.83
N LEU B 119 10.24 16.76 -3.65
CA LEU B 119 10.16 17.19 -5.04
C LEU B 119 9.85 18.67 -5.13
N ASP B 120 8.91 19.14 -4.31
CA ASP B 120 8.54 20.56 -4.31
C ASP B 120 9.76 21.44 -4.05
N TYR B 121 10.49 21.16 -2.97
CA TYR B 121 11.60 22.00 -2.55
C TYR B 121 12.91 21.68 -3.25
N MET B 122 12.93 20.69 -4.14
CA MET B 122 14.15 20.30 -4.83
C MET B 122 14.00 20.22 -6.34
N SER B 123 12.78 20.23 -6.87
CA SER B 123 12.58 20.09 -8.30
C SER B 123 13.14 21.30 -9.03
N LYS B 124 14.03 21.05 -9.99
CA LYS B 124 14.63 22.13 -10.76
C LYS B 124 13.56 23.04 -11.35
N GLN B 125 12.46 22.45 -11.81
CA GLN B 125 11.45 23.24 -12.50
C GLN B 125 10.91 24.37 -11.63
N ASN B 126 10.66 24.09 -10.35
CA ASN B 126 10.06 25.05 -9.43
C ASN B 126 11.05 25.54 -8.38
N GLY B 127 12.30 25.75 -8.77
CA GLY B 127 13.32 26.27 -7.87
C GLY B 127 14.36 25.19 -7.55
N GLY B 128 15.20 25.51 -6.59
CA GLY B 128 16.18 24.56 -6.11
C GLY B 128 17.01 23.94 -7.21
N GLU B 129 17.64 22.80 -6.93
CA GLU B 129 18.49 22.14 -7.89
C GLU B 129 18.32 20.62 -7.94
N GLY B 130 17.66 20.02 -6.96
CA GLY B 130 17.49 18.58 -6.90
C GLY B 130 18.07 18.00 -5.61
N GLY B 131 18.79 16.88 -5.75
CA GLY B 131 19.38 16.21 -4.60
C GLY B 131 19.11 14.73 -4.59
N ILE B 132 18.49 14.23 -3.53
CA ILE B 132 18.15 12.81 -3.44
C ILE B 132 17.13 12.62 -2.32
N ILE B 133 16.20 11.70 -2.55
CA ILE B 133 15.21 11.30 -1.56
C ILE B 133 15.23 9.78 -1.47
N ILE B 134 15.51 9.26 -0.28
CA ILE B 134 15.58 7.81 -0.05
C ILE B 134 14.54 7.42 0.99
N ASN B 135 13.75 6.40 0.67
CA ASN B 135 12.73 5.85 1.55
C ASN B 135 13.16 4.49 2.06
N MET B 136 12.99 4.28 3.37
CA MET B 136 13.45 3.07 4.02
C MET B 136 12.33 2.04 4.06
N SER B 137 12.63 0.83 3.58
CA SER B 137 11.68 -0.27 3.59
C SER B 137 12.37 -1.54 4.09
N SER B 138 11.69 -2.69 3.95
CA SER B 138 12.25 -3.96 4.41
C SER B 138 11.82 -5.04 3.43
N LEU B 139 12.24 -6.28 3.73
CA LEU B 139 11.88 -7.41 2.88
C LEU B 139 10.38 -7.65 2.83
N ALA B 140 9.62 -7.13 3.80
CA ALA B 140 8.17 -7.28 3.77
C ALA B 140 7.57 -6.63 2.53
N GLY B 141 8.25 -5.66 1.93
CA GLY B 141 7.84 -5.13 0.65
C GLY B 141 8.26 -5.97 -0.54
N LEU B 142 9.10 -6.98 -0.31
CA LEU B 142 9.52 -7.91 -1.35
C LEU B 142 9.20 -9.36 -1.02
N MET B 143 8.78 -9.66 0.20
CA MET B 143 8.46 -11.01 0.63
C MET B 143 7.16 -10.96 1.43
N PRO B 144 6.29 -11.98 1.29
CA PRO B 144 5.03 -11.99 2.05
C PRO B 144 5.24 -12.48 3.46
N VAL B 145 5.13 -11.57 4.43
CA VAL B 145 5.35 -11.90 5.84
C VAL B 145 3.98 -12.17 6.43
N ALA B 146 3.60 -13.46 6.44
CA ALA B 146 2.26 -13.83 6.88
C ALA B 146 1.97 -13.35 8.30
N GLN B 147 3.01 -13.17 9.10
CA GLN B 147 2.80 -12.73 10.48
C GLN B 147 2.21 -11.34 10.54
N GLN B 148 2.66 -10.44 9.67
CA GLN B 148 2.29 -9.02 9.74
C GLN B 148 1.77 -8.56 8.39
N PRO B 149 0.48 -8.80 8.12
CA PRO B 149 -0.07 -8.37 6.81
C PRO B 149 0.07 -6.89 6.53
N VAL B 150 -0.43 -6.02 7.41
CA VAL B 150 -0.44 -4.59 7.14
C VAL B 150 0.98 -4.09 6.94
N TYR B 151 1.95 -4.66 7.67
CA TYR B 151 3.34 -4.29 7.46
C TYR B 151 3.77 -4.60 6.03
N CYS B 152 3.41 -5.78 5.53
CA CYS B 152 3.76 -6.15 4.17
C CYS B 152 3.09 -5.22 3.17
N ALA B 153 1.83 -4.86 3.42
CA ALA B 153 1.14 -3.94 2.52
C ALA B 153 1.82 -2.59 2.48
N SER B 154 2.21 -2.06 3.65
CA SER B 154 2.87 -0.76 3.68
C SER B 154 4.19 -0.80 2.92
N LYS B 155 5.00 -1.83 3.16
CA LYS B 155 6.28 -1.91 2.48
C LYS B 155 6.11 -2.08 0.97
N HIS B 156 5.14 -2.90 0.55
CA HIS B 156 4.87 -3.05 -0.88
C HIS B 156 4.43 -1.74 -1.51
N GLY B 157 3.56 -0.99 -0.81
CA GLY B 157 3.14 0.31 -1.33
C GLY B 157 4.31 1.27 -1.47
N ILE B 158 5.21 1.28 -0.48
CA ILE B 158 6.39 2.13 -0.56
C ILE B 158 7.25 1.76 -1.76
N VAL B 159 7.49 0.45 -1.95
CA VAL B 159 8.37 0.02 -3.03
C VAL B 159 7.72 0.17 -4.40
N GLY B 160 6.41 0.39 -4.44
CA GLY B 160 5.78 0.78 -5.69
C GLY B 160 5.86 2.27 -5.94
N PHE B 161 5.52 3.05 -4.91
CA PHE B 161 5.53 4.51 -5.05
C PHE B 161 6.92 5.02 -5.39
N THR B 162 7.96 4.45 -4.78
CA THR B 162 9.32 4.91 -5.07
C THR B 162 9.59 4.84 -6.57
N ARG B 163 9.34 3.69 -7.18
CA ARG B 163 9.60 3.53 -8.61
C ARG B 163 8.71 4.46 -9.42
N SER B 164 7.42 4.57 -9.06
CA SER B 164 6.52 5.40 -9.84
C SER B 164 6.99 6.85 -9.86
N ALA B 165 7.28 7.41 -8.68
CA ALA B 165 7.70 8.80 -8.63
C ALA B 165 9.09 9.00 -9.20
N ALA B 166 9.96 8.00 -9.11
CA ALA B 166 11.25 8.10 -9.78
C ALA B 166 11.07 8.23 -11.29
N LEU B 167 10.20 7.40 -11.86
CA LEU B 167 9.90 7.54 -13.29
C LEU B 167 9.31 8.90 -13.60
N ALA B 168 8.40 9.39 -12.75
CA ALA B 168 7.80 10.70 -12.97
C ALA B 168 8.88 11.77 -13.04
N ALA B 169 9.77 11.81 -12.04
CA ALA B 169 10.81 12.81 -12.01
C ALA B 169 11.75 12.68 -13.21
N ASN B 170 12.11 11.44 -13.56
CA ASN B 170 13.00 11.24 -14.70
C ASN B 170 12.37 11.70 -16.00
N LEU B 171 11.04 11.60 -16.11
CA LEU B 171 10.35 12.12 -17.28
C LEU B 171 10.25 13.64 -17.25
N MET B 172 10.14 14.23 -16.07
CA MET B 172 10.00 15.66 -15.94
C MET B 172 11.35 16.39 -15.94
N ASN B 173 12.47 15.68 -15.83
CA ASN B 173 13.80 16.29 -15.83
C ASN B 173 13.90 17.32 -14.70
N SER B 174 13.77 16.83 -13.47
CA SER B 174 13.63 17.69 -12.31
C SER B 174 14.79 17.61 -11.33
N GLY B 175 15.78 16.77 -11.57
CA GLY B 175 16.93 16.68 -10.69
C GLY B 175 16.72 15.78 -9.49
N VAL B 176 15.50 15.76 -8.95
CA VAL B 176 15.22 14.96 -7.78
C VAL B 176 15.41 13.48 -8.09
N ARG B 177 16.07 12.76 -7.17
CA ARG B 177 16.30 11.34 -7.29
C ARG B 177 15.48 10.59 -6.24
N LEU B 178 15.00 9.41 -6.60
CA LEU B 178 14.22 8.57 -5.71
C LEU B 178 14.79 7.16 -5.68
N ASN B 179 15.01 6.64 -4.48
CA ASN B 179 15.50 5.27 -4.29
C ASN B 179 14.87 4.70 -3.04
N ALA B 180 14.89 3.37 -2.93
CA ALA B 180 14.29 2.66 -1.80
C ALA B 180 15.29 1.68 -1.22
N ILE B 181 15.30 1.60 0.12
CA ILE B 181 16.21 0.73 0.86
C ILE B 181 15.40 -0.39 1.51
N CYS B 182 15.76 -1.63 1.22
CA CYS B 182 15.09 -2.82 1.75
C CYS B 182 16.14 -3.79 2.29
N PRO B 183 16.60 -3.59 3.53
CA PRO B 183 17.59 -4.52 4.09
C PRO B 183 16.95 -5.66 4.85
N GLY B 184 17.77 -6.57 5.38
CA GLY B 184 17.27 -7.64 6.20
C GLY B 184 16.95 -7.16 7.61
N PRO B 222 23.17 -1.74 12.51
CA PRO B 222 22.68 -0.45 12.02
C PRO B 222 23.77 0.36 11.34
N PRO B 223 25.01 0.32 11.83
CA PRO B 223 26.09 0.98 11.08
C PRO B 223 26.20 0.50 9.64
N LEU B 224 26.01 -0.80 9.39
CA LEU B 224 26.01 -1.28 8.03
C LEU B 224 24.82 -0.74 7.25
N ILE B 225 23.72 -0.42 7.93
CA ILE B 225 22.57 0.18 7.26
C ILE B 225 22.90 1.60 6.86
N ALA B 226 23.51 2.37 7.76
CA ALA B 226 23.91 3.74 7.42
C ALA B 226 25.03 3.77 6.41
N ASN B 227 25.78 2.68 6.26
CA ASN B 227 26.73 2.56 5.17
C ASN B 227 26.06 2.46 3.80
N GLY B 228 24.73 2.47 3.75
CA GLY B 228 24.01 2.42 2.49
C GLY B 228 23.68 3.80 1.96
N LEU B 229 23.41 4.74 2.87
CA LEU B 229 23.20 6.12 2.45
C LEU B 229 24.43 6.67 1.74
N ILE B 230 25.61 6.40 2.29
CA ILE B 230 26.84 6.84 1.64
C ILE B 230 26.99 6.17 0.27
N THR B 231 26.67 4.88 0.20
CA THR B 231 26.83 4.17 -1.06
C THR B 231 25.91 4.73 -2.14
N LEU B 232 24.66 5.04 -1.78
CA LEU B 232 23.69 5.51 -2.77
C LEU B 232 23.90 6.97 -3.13
N ILE B 233 24.07 7.83 -2.11
CA ILE B 233 24.11 9.26 -2.36
C ILE B 233 25.36 9.64 -3.17
N GLU B 234 26.43 8.87 -3.05
CA GLU B 234 27.68 9.18 -3.73
C GLU B 234 27.68 8.73 -5.19
N ASP B 235 26.52 8.44 -5.76
CA ASP B 235 26.44 8.05 -7.17
C ASP B 235 25.12 8.55 -7.73
N ASP B 236 25.19 9.43 -8.72
CA ASP B 236 23.99 9.99 -9.35
C ASP B 236 23.43 9.10 -10.44
N ALA B 237 24.07 7.98 -10.74
CA ALA B 237 23.58 7.04 -11.74
C ALA B 237 22.68 5.97 -11.16
N LEU B 238 22.40 6.03 -9.86
CA LEU B 238 21.57 5.03 -9.18
C LEU B 238 20.31 5.73 -8.68
N ASN B 239 19.30 5.80 -9.55
CA ASN B 239 18.02 6.42 -9.23
C ASN B 239 16.90 5.47 -9.59
N GLY B 240 15.82 5.51 -8.81
CA GLY B 240 14.67 4.68 -9.06
C GLY B 240 14.99 3.20 -8.98
N ALA B 241 15.72 2.79 -7.95
CA ALA B 241 16.13 1.40 -7.77
C ALA B 241 15.89 0.98 -6.33
N ILE B 242 16.01 -0.32 -6.11
CA ILE B 242 15.86 -0.92 -4.78
C ILE B 242 17.15 -1.63 -4.42
N MET B 243 17.64 -1.38 -3.20
CA MET B 243 18.87 -1.99 -2.72
C MET B 243 18.57 -2.85 -1.50
N LYS B 244 19.33 -3.93 -1.36
CA LYS B 244 19.15 -4.87 -0.27
C LYS B 244 20.47 -5.05 0.47
N ILE B 245 20.39 -4.96 1.80
CA ILE B 245 21.51 -5.25 2.69
C ILE B 245 21.17 -6.57 3.39
N THR B 246 21.96 -7.61 3.12
CA THR B 246 21.74 -8.91 3.70
C THR B 246 23.08 -9.57 4.00
N THR B 247 23.06 -10.56 4.89
CA THR B 247 24.28 -11.27 5.24
C THR B 247 24.82 -12.09 4.08
N SER B 248 23.99 -12.36 3.06
CA SER B 248 24.44 -13.21 1.95
C SER B 248 25.43 -12.48 1.06
N LYS B 249 25.18 -11.22 0.76
CA LYS B 249 25.99 -10.48 -0.21
C LYS B 249 26.33 -9.07 0.26
N GLY B 250 26.29 -8.81 1.56
CA GLY B 250 26.57 -7.48 2.06
C GLY B 250 25.55 -6.48 1.58
N ILE B 251 25.95 -5.60 0.67
CA ILE B 251 25.07 -4.62 0.05
C ILE B 251 25.00 -4.93 -1.43
N HIS B 252 23.79 -4.99 -1.98
CA HIS B 252 23.61 -5.33 -3.39
C HIS B 252 22.29 -4.71 -3.86
N PHE B 253 21.95 -4.97 -5.12
CA PHE B 253 20.73 -4.44 -5.73
C PHE B 253 19.95 -5.58 -6.37
N GLN B 254 18.64 -5.57 -6.18
CA GLN B 254 17.76 -6.55 -6.79
C GLN B 254 17.27 -6.04 -8.14
N ASP B 255 17.29 -6.92 -9.14
CA ASP B 255 16.85 -6.59 -10.48
C ASP B 255 15.44 -7.12 -10.70
N TYR B 256 14.52 -6.24 -11.11
CA TYR B 256 13.16 -6.64 -11.40
C TYR B 256 13.10 -7.51 -12.65
#